data_6EWI
#
_entry.id   6EWI
#
_cell.length_a   40.726
_cell.length_b   95.449
_cell.length_c   99.168
_cell.angle_alpha   90.00
_cell.angle_beta   90.00
_cell.angle_gamma   90.00
#
_symmetry.space_group_name_H-M   'P 21 21 21'
#
loop_
_entity.id
_entity.type
_entity.pdbx_description
1 polymer 'Centrosomal protein 120'
2 water water
#
_entity_poly.entity_id   1
_entity_poly.type   'polypeptide(L)'
_entity_poly.pdbx_seq_one_letter_code
;GPHMPEKLEAILIPDQGYHQVGPADLCTDMFVLSVTVAFPTKLEQLVPSTMKLSAEGSEFFFYYSLLGNDITSEPFHNLL
SPDFEPERASVRIRSSKQILKAFLSQQPSLQIHLCCGNHSLGSTDVSLSALAGISTDLDNKAATVESAFILQPPKRVKQT
LPALPTDLQPTLGVAVTLRREEVALQQSVGNKE
;
_entity_poly.pdbx_strand_id   A,B
#
# COMPACT_ATOMS: atom_id res chain seq x y z
N LEU A 8 20.66 -18.93 -4.21
CA LEU A 8 20.43 -19.17 -5.63
C LEU A 8 21.65 -18.79 -6.47
N GLU A 9 22.06 -19.71 -7.34
CA GLU A 9 23.20 -19.52 -8.22
C GLU A 9 22.85 -20.02 -9.62
N ALA A 10 23.57 -19.49 -10.60
CA ALA A 10 23.38 -19.86 -12.00
C ALA A 10 24.48 -20.83 -12.40
N ILE A 11 24.12 -22.10 -12.56
CA ILE A 11 25.06 -23.16 -12.87
C ILE A 11 25.05 -23.38 -14.38
N LEU A 12 26.19 -23.16 -15.02
CA LEU A 12 26.28 -23.42 -16.45
C LEU A 12 26.25 -24.92 -16.71
N ILE A 13 25.43 -25.33 -17.67
CA ILE A 13 25.45 -26.71 -18.18
C ILE A 13 26.19 -26.64 -19.52
N PRO A 14 27.50 -26.95 -19.54
CA PRO A 14 28.29 -26.67 -20.75
C PRO A 14 27.79 -27.36 -22.01
N ASP A 15 27.32 -28.60 -21.90
CA ASP A 15 26.90 -29.32 -23.09
C ASP A 15 25.58 -28.79 -23.66
N GLN A 16 24.76 -28.14 -22.83
CA GLN A 16 23.46 -27.65 -23.28
C GLN A 16 23.43 -26.14 -23.50
N GLY A 17 24.42 -25.40 -23.01
CA GLY A 17 24.52 -23.99 -23.29
C GLY A 17 23.53 -23.11 -22.56
N TYR A 18 23.05 -23.53 -21.39
CA TYR A 18 22.19 -22.70 -20.57
C TYR A 18 22.65 -22.75 -19.12
N HIS A 19 22.09 -21.87 -18.30
CA HIS A 19 22.40 -21.76 -16.89
C HIS A 19 21.18 -22.16 -16.07
N GLN A 20 21.34 -23.17 -15.22
CA GLN A 20 20.24 -23.61 -14.36
C GLN A 20 20.17 -22.72 -13.13
N VAL A 21 18.96 -22.23 -12.84
CA VAL A 21 18.69 -21.43 -11.64
C VAL A 21 17.54 -22.09 -10.91
N GLY A 22 17.84 -22.74 -9.79
CA GLY A 22 16.85 -23.48 -9.06
C GLY A 22 16.97 -24.97 -9.29
N PRO A 23 16.15 -25.76 -8.61
CA PRO A 23 16.21 -27.23 -8.78
C PRO A 23 15.85 -27.65 -10.20
N ALA A 24 16.70 -28.49 -10.79
CA ALA A 24 16.57 -28.82 -12.20
C ALA A 24 15.27 -29.57 -12.49
N ASP A 25 14.71 -30.28 -11.51
CA ASP A 25 13.51 -31.05 -11.75
C ASP A 25 12.22 -30.25 -11.54
N LEU A 26 12.28 -29.13 -10.84
CA LEU A 26 11.11 -28.29 -10.60
C LEU A 26 11.09 -27.03 -11.45
N CYS A 27 12.25 -26.44 -11.72
CA CYS A 27 12.36 -25.17 -12.45
C CYS A 27 12.84 -25.49 -13.86
N THR A 28 11.90 -25.58 -14.80
CA THR A 28 12.16 -26.14 -16.12
C THR A 28 11.82 -25.20 -17.26
N ASP A 29 11.46 -23.97 -16.98
CA ASP A 29 11.13 -23.02 -18.06
C ASP A 29 12.39 -22.36 -18.58
N MET A 30 12.41 -22.10 -19.88
CA MET A 30 13.55 -21.46 -20.54
C MET A 30 13.32 -19.97 -20.67
N PHE A 31 14.33 -19.18 -20.29
CA PHE A 31 14.30 -17.73 -20.37
C PHE A 31 15.53 -17.26 -21.13
N VAL A 32 15.49 -16.00 -21.59
CA VAL A 32 16.62 -15.37 -22.25
C VAL A 32 16.85 -14.01 -21.62
N LEU A 33 18.06 -13.77 -21.14
CA LEU A 33 18.47 -12.49 -20.57
C LEU A 33 19.48 -11.84 -21.51
N SER A 34 19.15 -10.65 -22.01
CA SER A 34 19.94 -9.97 -23.01
C SER A 34 20.40 -8.61 -22.52
N VAL A 35 21.64 -8.26 -22.87
CA VAL A 35 22.21 -6.95 -22.57
C VAL A 35 22.69 -6.35 -23.88
N THR A 36 22.21 -5.14 -24.19
CA THR A 36 22.65 -4.37 -25.34
C THR A 36 23.37 -3.12 -24.86
N VAL A 37 24.56 -2.87 -25.40
CA VAL A 37 25.28 -1.62 -25.16
C VAL A 37 25.38 -0.87 -26.48
N ALA A 38 25.16 0.44 -26.42
CA ALA A 38 25.11 1.22 -27.64
C ALA A 38 25.25 2.70 -27.31
N PHE A 39 25.54 3.47 -28.36
CA PHE A 39 25.56 4.94 -28.31
C PHE A 39 26.40 5.52 -27.17
N PRO A 40 27.72 5.27 -27.18
CA PRO A 40 28.60 6.03 -26.29
C PRO A 40 28.66 7.50 -26.70
N THR A 41 28.62 8.38 -25.71
CA THR A 41 28.77 9.81 -25.95
C THR A 41 29.75 10.41 -24.95
N LYS A 42 30.47 11.44 -25.41
CA LYS A 42 31.33 12.25 -24.55
C LYS A 42 32.37 11.42 -23.80
N LEU A 43 32.84 10.33 -24.42
CA LEU A 43 33.83 9.48 -23.75
C LEU A 43 35.13 10.21 -23.51
N GLU A 44 35.43 11.23 -24.33
CA GLU A 44 36.68 11.96 -24.16
C GLU A 44 36.75 12.65 -22.80
N GLN A 45 35.60 12.92 -22.18
CA GLN A 45 35.58 13.57 -20.88
C GLN A 45 35.98 12.63 -19.75
N LEU A 46 36.18 11.35 -20.02
CA LEU A 46 36.74 10.44 -19.02
C LEU A 46 38.25 10.54 -18.92
N VAL A 47 38.89 11.23 -19.84
CA VAL A 47 40.34 11.41 -19.86
C VAL A 47 40.64 12.86 -19.50
N PRO A 48 41.49 13.11 -18.51
CA PRO A 48 41.77 14.50 -18.12
C PRO A 48 42.37 15.32 -19.27
N SER A 49 42.11 16.62 -19.23
CA SER A 49 42.57 17.50 -20.30
C SER A 49 44.09 17.63 -20.33
N THR A 50 44.77 17.36 -19.23
CA THR A 50 46.22 17.41 -19.18
C THR A 50 46.88 16.08 -19.54
N MET A 51 46.11 15.10 -20.03
CA MET A 51 46.63 13.83 -20.52
C MET A 51 46.45 13.83 -22.04
N LYS A 52 47.57 13.88 -22.75
CA LYS A 52 47.56 14.02 -24.21
C LYS A 52 47.74 12.64 -24.85
N LEU A 53 46.69 12.14 -25.47
CA LEU A 53 46.75 10.90 -26.23
C LEU A 53 47.17 11.21 -27.66
N SER A 54 47.99 10.32 -28.23
CA SER A 54 48.33 10.45 -29.63
C SER A 54 47.09 10.19 -30.48
N ALA A 55 47.06 10.80 -31.67
CA ALA A 55 45.86 10.81 -32.48
C ALA A 55 45.34 9.40 -32.77
N GLU A 56 46.25 8.50 -33.14
CA GLU A 56 45.89 7.11 -33.41
C GLU A 56 46.85 6.21 -32.65
N GLY A 57 46.48 4.94 -32.54
CA GLY A 57 47.30 3.95 -31.86
C GLY A 57 46.74 3.42 -30.56
N SER A 58 45.62 3.97 -30.08
CA SER A 58 44.98 3.48 -28.87
C SER A 58 43.82 2.56 -29.23
N GLU A 59 43.50 1.65 -28.32
CA GLU A 59 42.39 0.72 -28.52
C GLU A 59 41.56 0.63 -27.25
N PHE A 60 40.25 0.86 -27.41
CA PHE A 60 39.31 0.79 -26.29
C PHE A 60 38.21 -0.21 -26.61
N PHE A 61 37.55 -0.67 -25.56
CA PHE A 61 36.40 -1.56 -25.70
C PHE A 61 35.61 -1.51 -24.41
N PHE A 62 34.42 -2.11 -24.45
CA PHE A 62 33.57 -2.22 -23.29
C PHE A 62 33.57 -3.65 -22.78
N TYR A 63 33.54 -3.80 -21.45
CA TYR A 63 33.53 -5.10 -20.82
C TYR A 63 32.48 -5.13 -19.73
N TYR A 64 31.80 -6.27 -19.60
CA TYR A 64 31.02 -6.58 -18.43
C TYR A 64 30.99 -8.10 -18.25
N SER A 65 30.47 -8.54 -17.12
CA SER A 65 30.30 -9.96 -16.83
C SER A 65 28.81 -10.27 -16.77
N LEU A 66 28.37 -11.22 -17.58
CA LEU A 66 26.97 -11.63 -17.65
C LEU A 66 26.87 -13.07 -17.15
N LEU A 67 26.42 -13.24 -15.91
CA LEU A 67 26.31 -14.56 -15.28
C LEU A 67 27.64 -15.30 -15.32
N GLY A 68 28.71 -14.61 -14.91
CA GLY A 68 30.04 -15.16 -14.95
C GLY A 68 30.64 -15.33 -16.33
N ASN A 69 29.97 -14.87 -17.38
CA ASN A 69 30.52 -14.91 -18.74
C ASN A 69 31.11 -13.55 -19.08
N ASP A 70 32.37 -13.54 -19.51
CA ASP A 70 33.03 -12.30 -19.92
C ASP A 70 32.47 -11.83 -21.27
N ILE A 71 32.08 -10.56 -21.35
CA ILE A 71 31.55 -9.97 -22.57
C ILE A 71 32.41 -8.77 -22.94
N THR A 72 33.12 -8.85 -24.06
CA THR A 72 33.90 -7.74 -24.57
C THR A 72 33.35 -7.31 -25.93
N SER A 73 33.21 -6.00 -26.11
CA SER A 73 32.75 -5.45 -27.37
C SER A 73 33.86 -5.48 -28.41
N GLU A 74 33.48 -5.15 -29.64
CA GLU A 74 34.45 -4.83 -30.67
C GLU A 74 35.31 -3.66 -30.21
N PRO A 75 36.59 -3.64 -30.56
CA PRO A 75 37.44 -2.50 -30.21
C PRO A 75 37.15 -1.28 -31.08
N PHE A 76 37.47 -0.11 -30.54
CA PHE A 76 37.46 1.13 -31.30
C PHE A 76 38.65 1.96 -30.84
N HIS A 77 39.01 2.96 -31.64
CA HIS A 77 40.29 3.63 -31.46
C HIS A 77 40.19 5.14 -31.29
N ASN A 78 39.02 5.73 -31.48
CA ASN A 78 38.84 7.18 -31.36
C ASN A 78 37.75 7.44 -30.32
N LEU A 79 38.16 8.04 -29.19
CA LEU A 79 37.20 8.36 -28.15
C LEU A 79 36.24 9.48 -28.55
N LEU A 80 36.63 10.34 -29.48
CA LEU A 80 35.74 11.42 -29.92
C LEU A 80 34.66 10.90 -30.86
N SER A 81 34.93 9.83 -31.60
CA SER A 81 33.96 9.27 -32.54
C SER A 81 34.10 7.76 -32.54
N PRO A 82 33.49 7.08 -31.57
CA PRO A 82 33.64 5.62 -31.49
C PRO A 82 33.08 4.89 -32.70
N ASP A 83 32.09 5.48 -33.38
CA ASP A 83 31.40 4.84 -34.51
C ASP A 83 30.96 3.42 -34.13
N PHE A 84 30.29 3.32 -32.99
CA PHE A 84 30.09 2.04 -32.31
C PHE A 84 28.82 1.36 -32.81
N GLU A 85 28.97 0.19 -33.41
CA GLU A 85 27.80 -0.59 -33.79
C GLU A 85 27.19 -1.23 -32.54
N PRO A 86 25.88 -1.09 -32.34
CA PRO A 86 25.25 -1.68 -31.14
C PRO A 86 25.48 -3.18 -31.05
N GLU A 87 25.73 -3.66 -29.82
CA GLU A 87 26.11 -5.04 -29.58
C GLU A 87 25.23 -5.64 -28.50
N ARG A 88 24.75 -6.85 -28.74
CA ARG A 88 23.91 -7.57 -27.80
C ARG A 88 24.54 -8.91 -27.42
N ALA A 89 24.48 -9.23 -26.13
CA ALA A 89 24.85 -10.54 -25.61
C ALA A 89 23.67 -11.11 -24.85
N SER A 90 23.44 -12.41 -25.01
CA SER A 90 22.30 -13.10 -24.42
C SER A 90 22.77 -14.38 -23.73
N VAL A 91 22.20 -14.65 -22.56
CA VAL A 91 22.39 -15.92 -21.88
C VAL A 91 21.04 -16.62 -21.77
N ARG A 92 21.06 -17.95 -21.88
CA ARG A 92 19.86 -18.75 -21.66
C ARG A 92 19.82 -19.24 -20.23
N ILE A 93 18.63 -19.22 -19.64
CA ILE A 93 18.44 -19.60 -18.25
C ILE A 93 17.26 -20.56 -18.16
N ARG A 94 17.47 -21.68 -17.48
CA ARG A 94 16.42 -22.64 -17.18
C ARG A 94 16.05 -22.48 -15.72
N SER A 95 14.84 -21.99 -15.46
CA SER A 95 14.43 -21.67 -14.10
C SER A 95 12.91 -21.66 -14.04
N SER A 96 12.38 -21.15 -12.94
CA SER A 96 10.97 -20.81 -12.82
C SER A 96 10.85 -19.30 -12.66
N LYS A 97 9.73 -18.76 -13.17
CA LYS A 97 9.52 -17.32 -13.19
C LYS A 97 9.74 -16.70 -11.82
N GLN A 98 9.26 -17.34 -10.76
CA GLN A 98 9.38 -16.79 -9.43
C GLN A 98 10.81 -16.91 -8.90
N ILE A 99 11.46 -18.05 -9.17
CA ILE A 99 12.83 -18.26 -8.71
C ILE A 99 13.79 -17.32 -9.43
N LEU A 100 13.57 -17.10 -10.72
CA LEU A 100 14.47 -16.24 -11.48
C LEU A 100 14.37 -14.79 -10.99
N LYS A 101 13.16 -14.33 -10.67
CA LYS A 101 13.01 -12.96 -10.16
C LYS A 101 13.73 -12.79 -8.83
N ALA A 102 13.58 -13.76 -7.91
CA ALA A 102 14.29 -13.70 -6.65
C ALA A 102 15.80 -13.69 -6.87
N PHE A 103 16.29 -14.54 -7.78
CA PHE A 103 17.71 -14.58 -8.09
C PHE A 103 18.20 -13.24 -8.60
N LEU A 104 17.48 -12.66 -9.57
CA LEU A 104 17.88 -11.36 -10.10
C LEU A 104 17.79 -10.27 -9.04
N SER A 105 16.85 -10.40 -8.10
CA SER A 105 16.74 -9.39 -7.04
C SER A 105 17.94 -9.42 -6.11
N GLN A 106 18.62 -10.56 -6.00
CA GLN A 106 19.78 -10.70 -5.14
C GLN A 106 21.10 -10.50 -5.90
N GLN A 107 21.03 -10.12 -7.13
CA GLN A 107 22.30 -9.95 -7.83
C GLN A 107 22.84 -8.54 -7.62
N PRO A 108 24.16 -8.42 -7.52
CA PRO A 108 24.78 -7.09 -7.57
C PRO A 108 24.52 -6.45 -8.92
N SER A 109 24.63 -5.13 -8.95
CA SER A 109 24.39 -4.39 -10.19
C SER A 109 25.30 -4.91 -11.30
N LEU A 110 24.79 -4.82 -12.52
CA LEU A 110 25.60 -5.10 -13.70
C LEU A 110 26.59 -3.96 -13.91
N GLN A 111 27.87 -4.29 -13.91
CA GLN A 111 28.94 -3.28 -13.95
C GLN A 111 29.62 -3.31 -15.32
N ILE A 112 29.50 -2.22 -16.05
CA ILE A 112 30.03 -2.11 -17.40
C ILE A 112 31.17 -1.10 -17.41
N HIS A 113 32.30 -1.48 -18.00
CA HIS A 113 33.52 -0.69 -17.97
C HIS A 113 33.92 -0.26 -19.37
N LEU A 114 34.39 0.98 -19.51
CA LEU A 114 35.18 1.38 -20.66
C LEU A 114 36.63 1.00 -20.35
N CYS A 115 37.24 0.20 -21.22
CA CYS A 115 38.52 -0.43 -20.92
C CYS A 115 39.59 -0.01 -21.91
N CYS A 116 40.83 0.03 -21.40
CA CYS A 116 42.03 0.04 -22.22
C CYS A 116 42.95 -1.02 -21.65
N GLY A 117 43.20 -2.08 -22.42
CA GLY A 117 43.89 -3.24 -21.85
C GLY A 117 43.08 -3.79 -20.70
N ASN A 118 43.72 -3.94 -19.54
CA ASN A 118 43.04 -4.36 -18.32
C ASN A 118 42.74 -3.19 -17.38
N HIS A 119 42.85 -1.95 -17.87
CA HIS A 119 42.57 -0.76 -17.08
C HIS A 119 41.16 -0.26 -17.39
N SER A 120 40.44 0.14 -16.34
CA SER A 120 39.12 0.75 -16.50
C SER A 120 39.25 2.26 -16.54
N LEU A 121 38.81 2.87 -17.64
CA LEU A 121 38.74 4.33 -17.75
C LEU A 121 37.45 4.91 -17.18
N GLY A 122 36.45 4.08 -16.95
CA GLY A 122 35.17 4.53 -16.44
C GLY A 122 34.21 3.37 -16.38
N SER A 123 33.17 3.49 -15.54
CA SER A 123 32.22 2.41 -15.39
C SER A 123 30.85 2.97 -15.02
N THR A 124 29.83 2.16 -15.25
CA THR A 124 28.47 2.48 -14.83
C THR A 124 27.81 1.21 -14.32
N ASP A 125 26.80 1.39 -13.46
CA ASP A 125 26.06 0.29 -12.85
C ASP A 125 24.64 0.27 -13.37
N VAL A 126 24.13 -0.92 -13.67
CA VAL A 126 22.76 -1.13 -14.11
C VAL A 126 22.12 -2.15 -13.18
N SER A 127 20.98 -1.78 -12.60
CA SER A 127 20.35 -2.56 -11.54
C SER A 127 19.56 -3.72 -12.14
N LEU A 128 20.02 -4.95 -11.89
CA LEU A 128 19.26 -6.12 -12.31
C LEU A 128 18.05 -6.38 -11.40
N SER A 129 18.12 -5.94 -10.14
CA SER A 129 16.96 -6.07 -9.26
C SER A 129 15.82 -5.17 -9.71
N ALA A 130 16.13 -4.06 -10.38
CA ALA A 130 15.09 -3.23 -10.96
C ALA A 130 14.38 -3.96 -12.09
N LEU A 131 15.13 -4.73 -12.88
CA LEU A 131 14.52 -5.53 -13.94
C LEU A 131 13.55 -6.56 -13.36
N ALA A 132 13.93 -7.19 -12.25
CA ALA A 132 13.06 -8.17 -11.61
C ALA A 132 11.76 -7.54 -11.14
N GLY A 133 11.80 -6.29 -10.69
CA GLY A 133 10.59 -5.66 -10.20
C GLY A 133 9.56 -5.40 -11.29
N ILE A 134 10.03 -5.07 -12.51
CA ILE A 134 9.12 -4.77 -13.60
C ILE A 134 8.74 -6.00 -14.41
N SER A 135 9.31 -7.16 -14.10
CA SER A 135 8.98 -8.41 -14.81
C SER A 135 7.67 -8.94 -14.27
N THR A 136 6.60 -8.18 -14.53
CA THR A 136 5.28 -8.45 -14.00
C THR A 136 4.38 -9.21 -14.96
N ASP A 137 4.86 -9.51 -16.17
CA ASP A 137 3.99 -10.11 -17.17
C ASP A 137 4.79 -10.96 -18.15
N LEU A 138 5.80 -11.68 -17.62
CA LEU A 138 6.70 -12.46 -18.47
C LEU A 138 5.97 -13.47 -19.34
N ASP A 139 4.77 -13.91 -18.93
CA ASP A 139 4.01 -14.82 -19.77
C ASP A 139 3.54 -14.15 -21.05
N ASN A 140 3.35 -12.84 -21.02
CA ASN A 140 2.80 -12.12 -22.16
C ASN A 140 3.73 -11.07 -22.75
N LYS A 141 4.62 -10.48 -21.95
CA LYS A 141 5.45 -9.39 -22.44
C LYS A 141 6.83 -9.43 -21.80
N ALA A 142 7.87 -9.26 -22.62
CA ALA A 142 9.23 -9.15 -22.13
C ALA A 142 9.39 -7.87 -21.30
N ALA A 143 10.32 -7.92 -20.35
CA ALA A 143 10.60 -6.80 -19.47
C ALA A 143 11.97 -6.21 -19.81
N THR A 144 12.03 -4.90 -19.95
CA THR A 144 13.25 -4.20 -20.38
C THR A 144 13.55 -3.02 -19.48
N VAL A 145 14.75 -3.01 -18.91
CA VAL A 145 15.33 -1.83 -18.27
C VAL A 145 16.29 -1.21 -19.28
N GLU A 146 16.03 0.05 -19.65
CA GLU A 146 16.84 0.70 -20.67
C GLU A 146 16.93 2.19 -20.40
N SER A 147 18.14 2.74 -20.61
CA SER A 147 18.40 4.16 -20.42
C SER A 147 19.83 4.44 -20.86
N ALA A 148 20.16 5.72 -20.95
CA ALA A 148 21.54 6.15 -21.02
C ALA A 148 22.08 6.27 -19.60
N PHE A 149 23.18 5.58 -19.31
CA PHE A 149 23.76 5.51 -17.98
C PHE A 149 25.05 6.30 -17.95
N ILE A 150 25.26 7.06 -16.87
CA ILE A 150 26.42 7.93 -16.77
C ILE A 150 27.66 7.12 -16.41
N LEU A 151 28.74 7.34 -17.16
CA LEU A 151 30.02 6.70 -16.88
C LEU A 151 30.86 7.59 -15.98
N GLN A 152 31.47 6.99 -14.97
CA GLN A 152 32.30 7.72 -14.03
CA GLN A 152 32.30 7.71 -14.00
C GLN A 152 33.73 7.18 -14.01
N PRO A 153 34.73 8.05 -13.95
CA PRO A 153 36.12 7.58 -13.92
C PRO A 153 36.38 6.83 -12.62
N PRO A 154 37.43 6.00 -12.58
CA PRO A 154 37.62 5.15 -11.39
C PRO A 154 37.96 5.93 -10.13
N LYS A 155 38.77 6.98 -10.20
CA LYS A 155 39.20 7.66 -8.98
C LYS A 155 39.49 9.13 -9.28
N ARG A 156 38.67 10.02 -8.73
CA ARG A 156 38.97 11.44 -8.69
C ARG A 156 39.68 11.78 -7.37
N VAL A 157 40.67 12.65 -7.47
CA VAL A 157 41.50 12.94 -6.30
C VAL A 157 40.74 13.80 -5.29
N LYS A 158 40.20 14.94 -5.75
CA LYS A 158 39.46 15.83 -4.88
C LYS A 158 37.99 15.88 -5.29
N GLN A 159 37.14 16.08 -4.30
CA GLN A 159 35.73 16.34 -4.59
C GLN A 159 35.62 17.65 -5.38
N THR A 160 34.88 17.61 -6.47
CA THR A 160 34.52 18.79 -7.22
C THR A 160 33.01 18.90 -7.32
N LEU A 161 32.55 20.06 -7.77
CA LEU A 161 31.12 20.31 -7.91
C LEU A 161 30.49 19.28 -8.84
N PRO A 162 29.55 18.46 -8.35
CA PRO A 162 28.98 17.41 -9.20
C PRO A 162 28.31 17.97 -10.45
N ALA A 163 28.41 17.21 -11.53
CA ALA A 163 27.67 17.55 -12.73
C ALA A 163 26.17 17.29 -12.52
N LEU A 164 25.36 18.16 -13.09
CA LEU A 164 23.91 18.01 -13.01
C LEU A 164 23.45 16.95 -14.01
N PRO A 165 22.30 16.32 -13.77
CA PRO A 165 21.77 15.35 -14.74
C PRO A 165 21.46 15.97 -16.10
N THR A 166 21.22 17.28 -16.14
CA THR A 166 21.00 17.98 -17.40
C THR A 166 22.30 18.24 -18.16
N ASP A 167 23.45 18.02 -17.53
CA ASP A 167 24.73 18.28 -18.18
C ASP A 167 25.11 17.17 -19.14
N LEU A 168 25.91 17.52 -20.14
CA LEU A 168 26.50 16.54 -21.04
C LEU A 168 27.65 15.85 -20.32
N GLN A 169 27.48 14.58 -20.03
CA GLN A 169 28.47 13.76 -19.33
C GLN A 169 28.75 12.55 -20.19
N PRO A 170 29.82 11.80 -19.89
CA PRO A 170 30.01 10.50 -20.56
C PRO A 170 28.85 9.57 -20.22
N THR A 171 28.25 9.00 -21.25
CA THR A 171 27.14 8.08 -21.06
C THR A 171 27.27 6.89 -22.00
N LEU A 172 26.55 5.82 -21.65
CA LEU A 172 26.45 4.63 -22.49
C LEU A 172 25.00 4.18 -22.47
N GLY A 173 24.46 3.85 -23.64
CA GLY A 173 23.15 3.24 -23.70
C GLY A 173 23.24 1.78 -23.28
N VAL A 174 22.44 1.39 -22.29
CA VAL A 174 22.40 0.02 -21.81
C VAL A 174 20.95 -0.40 -21.67
N ALA A 175 20.60 -1.53 -22.28
CA ALA A 175 19.27 -2.11 -22.19
C ALA A 175 19.39 -3.56 -21.75
N VAL A 176 18.67 -3.92 -20.69
CA VAL A 176 18.64 -5.28 -20.17
C VAL A 176 17.23 -5.80 -20.31
N THR A 177 17.07 -6.92 -21.01
CA THR A 177 15.77 -7.48 -21.34
C THR A 177 15.68 -8.92 -20.89
N LEU A 178 14.55 -9.27 -20.28
CA LEU A 178 14.26 -10.63 -19.82
C LEU A 178 12.96 -11.10 -20.45
N ARG A 179 12.96 -12.32 -20.97
CA ARG A 179 11.79 -12.88 -21.63
C ARG A 179 11.82 -14.39 -21.54
N ARG A 180 10.65 -15.00 -21.67
CA ARG A 180 10.59 -16.42 -21.93
C ARG A 180 11.15 -16.72 -23.32
N GLU A 181 11.75 -17.89 -23.46
CA GLU A 181 12.29 -18.32 -24.75
C GLU A 181 11.16 -18.88 -25.63
N LEU B 8 -28.46 -10.48 33.68
CA LEU B 8 -29.11 -10.31 32.40
C LEU B 8 -28.11 -9.85 31.34
N GLU B 9 -27.72 -10.76 30.45
CA GLU B 9 -26.63 -10.55 29.51
C GLU B 9 -27.06 -10.97 28.12
N ALA B 10 -26.24 -10.61 27.13
CA ALA B 10 -26.42 -11.00 25.75
C ALA B 10 -25.30 -11.95 25.37
N ILE B 11 -25.65 -13.20 25.03
CA ILE B 11 -24.69 -14.25 24.76
C ILE B 11 -24.69 -14.52 23.26
N LEU B 12 -23.54 -14.34 22.61
CA LEU B 12 -23.44 -14.62 21.18
C LEU B 12 -23.51 -16.12 20.92
N ILE B 13 -24.27 -16.49 19.90
CA ILE B 13 -24.30 -17.85 19.39
C ILE B 13 -23.58 -17.83 18.05
N PRO B 14 -22.27 -18.12 18.03
CA PRO B 14 -21.46 -17.79 16.84
C PRO B 14 -21.89 -18.50 15.57
N ASP B 15 -22.32 -19.75 15.63
CA ASP B 15 -22.72 -20.45 14.41
C ASP B 15 -24.05 -19.95 13.87
N GLN B 16 -24.94 -19.50 14.75
CA GLN B 16 -26.25 -19.02 14.36
C GLN B 16 -26.28 -17.53 14.04
N GLY B 17 -25.36 -16.75 14.60
CA GLY B 17 -25.24 -15.35 14.28
C GLY B 17 -26.13 -14.40 15.07
N TYR B 18 -26.65 -14.82 16.21
CA TYR B 18 -27.51 -13.96 17.01
C TYR B 18 -27.05 -13.96 18.47
N HIS B 19 -27.63 -13.06 19.25
CA HIS B 19 -27.36 -12.92 20.67
C HIS B 19 -28.61 -13.32 21.46
N GLN B 20 -28.48 -14.36 22.29
CA GLN B 20 -29.59 -14.77 23.14
C GLN B 20 -29.64 -13.87 24.38
N VAL B 21 -30.83 -13.31 24.64
CA VAL B 21 -31.09 -12.53 25.85
C VAL B 21 -32.21 -13.23 26.60
N GLY B 22 -31.88 -13.84 27.72
CA GLY B 22 -32.85 -14.56 28.52
C GLY B 22 -32.75 -16.06 28.29
N PRO B 23 -33.61 -16.82 28.97
CA PRO B 23 -33.60 -18.27 28.82
C PRO B 23 -33.95 -18.68 27.38
N ALA B 24 -33.09 -19.51 26.79
CA ALA B 24 -33.26 -19.88 25.39
C ALA B 24 -34.50 -20.72 25.14
N ASP B 25 -35.13 -21.27 26.18
CA ASP B 25 -36.33 -22.07 26.00
C ASP B 25 -37.62 -21.27 26.18
N LEU B 26 -37.56 -20.10 26.83
CA LEU B 26 -38.73 -19.24 26.98
C LEU B 26 -38.66 -17.97 26.15
N CYS B 27 -37.46 -17.48 25.84
CA CYS B 27 -37.27 -16.24 25.10
C CYS B 27 -36.78 -16.62 23.71
N THR B 28 -37.73 -16.73 22.77
CA THR B 28 -37.46 -17.31 21.46
C THR B 28 -37.79 -16.38 20.30
N ASP B 29 -38.20 -15.14 20.54
CA ASP B 29 -38.52 -14.23 19.46
C ASP B 29 -37.26 -13.57 18.93
N MET B 30 -37.19 -13.40 17.61
CA MET B 30 -36.05 -12.75 16.97
C MET B 30 -36.31 -11.26 16.80
N PHE B 31 -35.32 -10.45 17.17
CA PHE B 31 -35.38 -9.00 17.02
C PHE B 31 -34.14 -8.53 16.28
N VAL B 32 -34.24 -7.34 15.69
CA VAL B 32 -33.10 -6.67 15.07
C VAL B 32 -32.90 -5.34 15.76
N LEU B 33 -31.66 -5.06 16.17
CA LEU B 33 -31.27 -3.78 16.75
C LEU B 33 -30.24 -3.15 15.83
N SER B 34 -30.55 -1.96 15.31
CA SER B 34 -29.73 -1.31 14.30
C SER B 34 -29.30 0.07 14.76
N VAL B 35 -28.06 0.43 14.42
CA VAL B 35 -27.51 1.77 14.67
C VAL B 35 -27.09 2.35 13.34
N THR B 36 -27.58 3.56 13.04
CA THR B 36 -27.14 4.33 11.87
C THR B 36 -26.42 5.58 12.34
N VAL B 37 -25.24 5.83 11.78
CA VAL B 37 -24.53 7.07 12.00
C VAL B 37 -24.43 7.81 10.66
N ALA B 38 -24.58 9.13 10.70
CA ALA B 38 -24.65 9.89 9.46
C ALA B 38 -24.51 11.38 9.76
N PHE B 39 -24.23 12.14 8.71
CA PHE B 39 -24.23 13.60 8.73
C PHE B 39 -23.38 14.21 9.85
N PRO B 40 -22.09 13.93 9.89
CA PRO B 40 -21.20 14.69 10.79
C PRO B 40 -21.17 16.16 10.37
N THR B 41 -21.18 17.05 11.36
CA THR B 41 -21.08 18.48 11.11
C THR B 41 -20.11 19.12 12.09
N LYS B 42 -19.43 20.16 11.60
CA LYS B 42 -18.60 21.02 12.44
C LYS B 42 -17.56 20.24 13.23
N LEU B 43 -17.06 19.13 12.67
CA LEU B 43 -16.08 18.32 13.37
C LEU B 43 -14.77 19.05 13.60
N GLU B 44 -14.47 20.08 12.79
CA GLU B 44 -13.23 20.83 13.00
C GLU B 44 -13.24 21.59 14.31
N GLN B 45 -14.42 21.87 14.89
CA GLN B 45 -14.48 22.45 16.22
C GLN B 45 -13.87 21.55 17.28
N LEU B 46 -13.67 20.26 16.98
CA LEU B 46 -13.08 19.34 17.94
C LEU B 46 -11.56 19.48 18.01
N VAL B 47 -10.93 20.07 17.01
CA VAL B 47 -9.49 20.29 16.99
C VAL B 47 -9.22 21.75 17.33
N PRO B 48 -8.43 22.06 18.35
CA PRO B 48 -8.28 23.45 18.78
C PRO B 48 -7.64 24.31 17.70
N SER B 49 -7.88 25.62 17.80
CA SER B 49 -7.45 26.55 16.76
C SER B 49 -5.94 26.57 16.59
N THR B 50 -5.19 26.26 17.65
CA THR B 50 -3.73 26.31 17.60
C THR B 50 -3.10 24.97 17.24
N MET B 51 -3.88 24.01 16.75
CA MET B 51 -3.36 22.74 16.25
C MET B 51 -3.56 22.72 14.74
N LYS B 52 -2.47 22.87 14.00
CA LYS B 52 -2.55 23.01 12.55
C LYS B 52 -2.40 21.64 11.90
N LEU B 53 -3.52 21.09 11.43
CA LEU B 53 -3.51 19.82 10.72
C LEU B 53 -3.01 20.01 9.30
N SER B 54 -2.23 19.05 8.82
CA SER B 54 -1.74 19.11 7.44
C SER B 54 -2.91 19.13 6.47
N ALA B 55 -2.66 19.72 5.29
CA ALA B 55 -3.71 19.83 4.29
C ALA B 55 -4.22 18.46 3.86
N GLU B 56 -3.34 17.47 3.81
CA GLU B 56 -3.74 16.12 3.45
C GLU B 56 -2.91 15.13 4.26
N GLY B 57 -3.42 13.90 4.37
CA GLY B 57 -2.70 12.81 5.00
C GLY B 57 -3.31 12.27 6.27
N SER B 58 -4.39 12.87 6.76
CA SER B 58 -5.03 12.41 7.99
C SER B 58 -6.14 11.40 7.67
N GLU B 59 -6.42 10.53 8.62
CA GLU B 59 -7.48 9.53 8.48
C GLU B 59 -8.30 9.45 9.75
N PHE B 60 -9.60 9.69 9.61
CA PHE B 60 -10.54 9.65 10.72
C PHE B 60 -11.63 8.62 10.44
N PHE B 61 -12.22 8.10 11.50
CA PHE B 61 -13.34 7.18 11.38
C PHE B 61 -14.16 7.24 12.66
N PHE B 62 -15.34 6.63 12.61
CA PHE B 62 -16.20 6.53 13.78
C PHE B 62 -16.15 5.11 14.33
N TYR B 63 -16.22 5.00 15.65
CA TYR B 63 -16.21 3.71 16.31
C TYR B 63 -17.24 3.69 17.43
N TYR B 64 -17.88 2.53 17.61
CA TYR B 64 -18.67 2.26 18.79
C TYR B 64 -18.73 0.75 18.99
N SER B 65 -19.18 0.35 20.17
CA SER B 65 -19.36 -1.05 20.51
C SER B 65 -20.85 -1.36 20.60
N LEU B 66 -21.31 -2.37 19.87
CA LEU B 66 -22.71 -2.76 19.84
C LEU B 66 -22.83 -4.21 20.31
N LEU B 67 -23.30 -4.39 21.56
CA LEU B 67 -23.44 -5.70 22.17
C LEU B 67 -22.13 -6.50 22.07
N GLY B 68 -21.04 -5.83 22.42
CA GLY B 68 -19.73 -6.44 22.41
C GLY B 68 -19.05 -6.50 21.07
N ASN B 69 -19.68 -6.05 20.00
CA ASN B 69 -19.09 -6.08 18.67
C ASN B 69 -18.51 -4.71 18.33
N ASP B 70 -17.29 -4.71 17.78
CA ASP B 70 -16.65 -3.48 17.36
C ASP B 70 -17.18 -3.04 16.00
N ILE B 71 -17.68 -1.80 15.92
CA ILE B 71 -18.19 -1.23 14.67
C ILE B 71 -17.32 -0.04 14.30
N THR B 72 -16.64 -0.13 13.16
CA THR B 72 -15.87 0.98 12.63
C THR B 72 -16.41 1.39 11.27
N SER B 73 -16.55 2.69 11.07
CA SER B 73 -17.03 3.23 9.80
C SER B 73 -15.92 3.20 8.75
N GLU B 74 -16.31 3.52 7.52
CA GLU B 74 -15.33 3.81 6.49
C GLU B 74 -14.51 5.04 6.89
N PRO B 75 -13.24 5.10 6.50
CA PRO B 75 -12.42 6.26 6.83
C PRO B 75 -12.77 7.47 5.97
N PHE B 76 -12.45 8.64 6.51
CA PHE B 76 -12.50 9.89 5.75
C PHE B 76 -11.33 10.75 6.18
N HIS B 77 -11.00 11.75 5.35
CA HIS B 77 -9.72 12.42 5.48
C HIS B 77 -9.80 13.93 5.68
N ASN B 78 -10.97 14.55 5.51
CA ASN B 78 -11.13 15.98 5.68
C ASN B 78 -12.19 16.24 6.74
N LEU B 79 -11.78 16.87 7.85
CA LEU B 79 -12.72 17.18 8.92
C LEU B 79 -13.72 18.26 8.51
N LEU B 80 -13.33 19.14 7.59
CA LEU B 80 -14.23 20.21 7.14
C LEU B 80 -15.33 19.68 6.24
N SER B 81 -15.02 18.70 5.39
CA SER B 81 -16.01 18.11 4.49
C SER B 81 -15.84 16.59 4.52
N PRO B 82 -16.44 15.93 5.52
CA PRO B 82 -16.29 14.46 5.60
C PRO B 82 -16.83 13.71 4.39
N ASP B 83 -17.87 14.23 3.73
CA ASP B 83 -18.50 13.55 2.59
C ASP B 83 -18.86 12.12 2.97
N PHE B 84 -19.51 11.98 4.12
CA PHE B 84 -19.65 10.69 4.79
C PHE B 84 -20.94 10.00 4.36
N GLU B 85 -20.81 8.81 3.79
CA GLU B 85 -21.98 8.01 3.43
C GLU B 85 -22.60 7.39 4.67
N PRO B 86 -23.90 7.58 4.90
CA PRO B 86 -24.53 7.00 6.09
C PRO B 86 -24.27 5.50 6.21
N GLU B 87 -24.09 5.05 7.45
CA GLU B 87 -23.65 3.68 7.73
C GLU B 87 -24.53 3.06 8.81
N ARG B 88 -24.98 1.83 8.56
CA ARG B 88 -25.84 1.11 9.49
C ARG B 88 -25.20 -0.23 9.84
N ALA B 89 -25.20 -0.57 11.12
CA ALA B 89 -24.82 -1.89 11.62
C ALA B 89 -25.98 -2.46 12.42
N SER B 90 -26.21 -3.77 12.28
CA SER B 90 -27.34 -4.43 12.90
C SER B 90 -26.89 -5.67 13.65
N VAL B 91 -27.48 -5.90 14.82
CA VAL B 91 -27.30 -7.14 15.56
C VAL B 91 -28.65 -7.84 15.68
N ARG B 92 -28.60 -9.17 15.69
CA ARG B 92 -29.80 -9.99 15.86
C ARG B 92 -29.87 -10.46 17.30
N ILE B 93 -31.05 -10.34 17.90
CA ILE B 93 -31.26 -10.67 19.31
C ILE B 93 -32.42 -11.65 19.42
N ARG B 94 -32.19 -12.79 20.05
CA ARG B 94 -33.22 -13.78 20.33
C ARG B 94 -33.63 -13.61 21.79
N SER B 95 -34.87 -13.18 22.02
CA SER B 95 -35.31 -12.85 23.37
C SER B 95 -36.83 -12.85 23.40
N SER B 96 -37.40 -12.30 24.46
CA SER B 96 -38.80 -11.95 24.52
C SER B 96 -38.92 -10.43 24.63
N LYS B 97 -40.05 -9.92 24.13
CA LYS B 97 -40.27 -8.47 24.12
C LYS B 97 -40.10 -7.86 25.50
N GLN B 98 -40.58 -8.56 26.53
CA GLN B 98 -40.47 -8.05 27.89
C GLN B 98 -39.03 -8.14 28.39
N ILE B 99 -38.36 -9.25 28.14
CA ILE B 99 -36.99 -9.45 28.64
C ILE B 99 -36.03 -8.49 27.94
N LEU B 100 -36.18 -8.32 26.62
CA LEU B 100 -35.25 -7.45 25.89
C LEU B 100 -35.38 -6.01 26.33
N LYS B 101 -36.59 -5.52 26.55
CA LYS B 101 -36.78 -4.16 27.04
C LYS B 101 -36.06 -3.96 28.37
N ALA B 102 -36.22 -4.91 29.30
CA ALA B 102 -35.53 -4.83 30.57
C ALA B 102 -34.01 -4.83 30.39
N PHE B 103 -33.52 -5.64 29.45
CA PHE B 103 -32.10 -5.66 29.15
C PHE B 103 -31.62 -4.29 28.65
N LEU B 104 -32.36 -3.70 27.70
CA LEU B 104 -31.97 -2.40 27.15
C LEU B 104 -32.00 -1.31 28.21
N SER B 105 -32.94 -1.40 29.16
CA SER B 105 -33.01 -0.40 30.23
C SER B 105 -31.79 -0.45 31.13
N GLN B 106 -31.18 -1.63 31.28
CA GLN B 106 -30.01 -1.80 32.13
C GLN B 106 -28.70 -1.52 31.40
N GLN B 107 -28.75 -1.14 30.14
CA GLN B 107 -27.50 -1.02 29.42
C GLN B 107 -26.90 0.36 29.60
N PRO B 108 -25.56 0.44 29.60
CA PRO B 108 -24.91 1.75 29.51
C PRO B 108 -25.17 2.39 28.16
N SER B 109 -25.14 3.73 28.16
CA SER B 109 -25.34 4.47 26.92
C SER B 109 -24.39 3.99 25.83
N LEU B 110 -24.89 4.00 24.60
CA LEU B 110 -24.03 3.75 23.45
C LEU B 110 -23.10 4.93 23.26
N GLN B 111 -21.80 4.67 23.29
CA GLN B 111 -20.78 5.71 23.18
C GLN B 111 -20.13 5.62 21.81
N ILE B 112 -20.29 6.67 21.01
CA ILE B 112 -19.77 6.72 19.65
C ILE B 112 -18.62 7.72 19.60
N HIS B 113 -17.49 7.28 19.08
CA HIS B 113 -16.27 8.06 19.09
C HIS B 113 -15.88 8.50 17.68
N LEU B 114 -15.41 9.74 17.56
CA LEU B 114 -14.61 10.15 16.42
C LEU B 114 -13.16 9.78 16.71
N CYS B 115 -12.54 9.03 15.81
CA CYS B 115 -11.26 8.39 16.08
C CYS B 115 -10.21 8.80 15.08
N CYS B 116 -8.96 8.88 15.56
CA CYS B 116 -7.78 8.93 14.72
C CYS B 116 -6.82 7.88 15.25
N GLY B 117 -6.67 6.78 14.52
CA GLY B 117 -5.96 5.64 15.06
C GLY B 117 -6.73 5.07 16.24
N ASN B 118 -6.03 4.92 17.36
CA ASN B 118 -6.65 4.47 18.61
C ASN B 118 -6.99 5.62 19.54
N HIS B 119 -6.90 6.86 19.06
CA HIS B 119 -7.19 8.05 19.86
C HIS B 119 -8.59 8.56 19.55
N SER B 120 -9.34 8.90 20.60
CA SER B 120 -10.65 9.52 20.45
C SER B 120 -10.49 11.03 20.40
N LEU B 121 -10.99 11.64 19.33
CA LEU B 121 -11.03 13.09 19.20
C LEU B 121 -12.29 13.70 19.82
N GLY B 122 -13.31 12.89 20.03
CA GLY B 122 -14.56 13.34 20.59
C GLY B 122 -15.53 12.19 20.62
N SER B 123 -16.56 12.35 21.43
CA SER B 123 -17.55 11.28 21.58
C SER B 123 -18.89 11.86 22.00
N THR B 124 -19.93 11.07 21.78
CA THR B 124 -21.27 11.40 22.27
C THR B 124 -21.91 10.13 22.80
N ASP B 125 -22.95 10.30 23.61
CA ASP B 125 -23.67 9.20 24.23
C ASP B 125 -25.10 9.16 23.71
N VAL B 126 -25.58 7.96 23.41
CA VAL B 126 -26.96 7.74 22.96
C VAL B 126 -27.60 6.72 23.91
N SER B 127 -28.72 7.12 24.52
CA SER B 127 -29.34 6.36 25.60
C SER B 127 -30.08 5.15 25.04
N LEU B 128 -29.65 3.94 25.43
CA LEU B 128 -30.36 2.74 25.04
C LEU B 128 -31.58 2.47 25.90
N SER B 129 -31.58 2.93 27.16
CA SER B 129 -32.77 2.82 27.98
C SER B 129 -33.89 3.72 27.45
N ALA B 130 -33.53 4.81 26.76
CA ALA B 130 -34.54 5.65 26.13
C ALA B 130 -35.28 4.89 25.04
N LEU B 131 -34.57 4.02 24.31
CA LEU B 131 -35.21 3.24 23.26
C LEU B 131 -36.22 2.26 23.84
N ALA B 132 -35.88 1.58 24.94
CA ALA B 132 -36.80 0.63 25.56
C ALA B 132 -38.07 1.33 26.04
N GLY B 133 -37.96 2.59 26.47
CA GLY B 133 -39.12 3.29 26.99
C GLY B 133 -40.16 3.62 25.94
N ILE B 134 -39.73 3.81 24.69
CA ILE B 134 -40.67 4.11 23.61
C ILE B 134 -41.05 2.88 22.80
N SER B 135 -40.47 1.71 23.11
CA SER B 135 -40.81 0.47 22.43
C SER B 135 -42.12 -0.05 23.02
N THR B 136 -43.21 0.59 22.60
CA THR B 136 -44.52 0.35 23.17
C THR B 136 -45.45 -0.43 22.24
N ASP B 137 -45.02 -0.72 21.02
CA ASP B 137 -45.89 -1.40 20.06
C ASP B 137 -45.04 -2.22 19.08
N LEU B 138 -44.10 -3.00 19.63
CA LEU B 138 -43.18 -3.76 18.80
C LEU B 138 -43.87 -4.81 17.94
N ASP B 139 -45.07 -5.24 18.31
CA ASP B 139 -45.82 -6.16 17.47
C ASP B 139 -46.35 -5.50 16.20
N ASN B 140 -46.33 -4.18 16.12
CA ASN B 140 -46.84 -3.48 14.95
C ASN B 140 -45.84 -2.50 14.34
N LYS B 141 -45.09 -1.77 15.16
CA LYS B 141 -44.23 -0.70 14.68
C LYS B 141 -42.82 -0.85 15.26
N ALA B 142 -41.82 -0.62 14.43
CA ALA B 142 -40.46 -0.46 14.93
C ALA B 142 -40.37 0.80 15.79
N ALA B 143 -39.46 0.78 16.75
CA ALA B 143 -39.19 1.93 17.61
C ALA B 143 -37.83 2.52 17.26
N THR B 144 -37.75 3.84 17.24
CA THR B 144 -36.53 4.51 16.82
C THR B 144 -36.26 5.72 17.72
N VAL B 145 -35.06 5.78 18.27
CA VAL B 145 -34.50 6.99 18.85
C VAL B 145 -33.52 7.57 17.83
N GLU B 146 -33.75 8.80 17.40
CA GLU B 146 -32.90 9.41 16.39
C GLU B 146 -32.81 10.92 16.66
N SER B 147 -31.63 11.47 16.43
CA SER B 147 -31.38 12.89 16.66
C SER B 147 -29.95 13.22 16.25
N ALA B 148 -29.67 14.51 16.20
CA ALA B 148 -28.29 14.99 16.14
C ALA B 148 -27.73 15.07 17.55
N PHE B 149 -26.60 14.43 17.78
CA PHE B 149 -26.01 14.32 19.11
C PHE B 149 -24.71 15.11 19.16
N ILE B 150 -24.54 15.91 20.21
CA ILE B 150 -23.37 16.76 20.35
C ILE B 150 -22.16 15.93 20.75
N LEU B 151 -21.07 16.06 19.99
CA LEU B 151 -19.81 15.44 20.32
C LEU B 151 -18.97 16.38 21.18
N GLN B 152 -18.38 15.85 22.26
CA GLN B 152 -17.52 16.63 23.14
CA GLN B 152 -17.51 16.63 23.15
C GLN B 152 -16.08 16.09 23.09
N PRO B 153 -15.08 16.96 23.18
CA PRO B 153 -13.69 16.49 23.16
C PRO B 153 -13.39 15.70 24.42
N PRO B 154 -12.30 14.91 24.42
CA PRO B 154 -12.07 14.03 25.57
C PRO B 154 -11.69 14.77 26.85
N LYS B 155 -10.92 15.85 26.79
CA LYS B 155 -10.48 16.50 28.01
C LYS B 155 -10.18 17.97 27.76
N ARG B 156 -10.95 18.84 28.40
CA ARG B 156 -10.69 20.27 28.41
C ARG B 156 -9.92 20.63 29.66
N VAL B 157 -8.95 21.54 29.52
CA VAL B 157 -8.05 21.87 30.62
C VAL B 157 -8.79 22.68 31.68
N LYS B 158 -9.32 23.84 31.30
CA LYS B 158 -10.06 24.68 32.20
C LYS B 158 -11.55 24.64 31.86
N GLN B 159 -12.38 24.86 32.87
CA GLN B 159 -13.79 25.10 32.62
C GLN B 159 -13.94 26.41 31.86
N THR B 160 -14.75 26.38 30.81
CA THR B 160 -15.12 27.56 30.05
C THR B 160 -16.63 27.66 30.00
N LEU B 161 -17.13 28.80 29.56
CA LEU B 161 -18.56 29.02 29.49
C LEU B 161 -19.22 27.99 28.57
N PRO B 162 -20.13 27.15 29.08
CA PRO B 162 -20.74 26.12 28.24
C PRO B 162 -21.43 26.71 27.01
N ALA B 163 -21.29 26.00 25.89
CA ALA B 163 -22.06 26.35 24.70
C ALA B 163 -23.53 26.01 24.91
N LEU B 164 -24.39 26.80 24.30
CA LEU B 164 -25.83 26.58 24.39
C LEU B 164 -26.26 25.50 23.41
N PRO B 165 -27.37 24.82 23.68
CA PRO B 165 -27.88 23.84 22.71
C PRO B 165 -28.20 24.46 21.35
N THR B 166 -28.42 25.77 21.29
CA THR B 166 -28.64 26.44 20.02
C THR B 166 -27.35 26.80 19.30
N ASP B 167 -26.21 26.78 20.00
CA ASP B 167 -24.94 27.07 19.36
C ASP B 167 -24.56 25.97 18.36
N LEU B 168 -23.83 26.36 17.33
CA LEU B 168 -23.31 25.39 16.38
C LEU B 168 -22.11 24.67 16.99
N GLN B 169 -22.26 23.38 17.21
CA GLN B 169 -21.26 22.54 17.86
C GLN B 169 -21.00 21.33 16.99
N PRO B 170 -19.94 20.56 17.27
CA PRO B 170 -19.76 19.29 16.56
C PRO B 170 -20.90 18.34 16.88
N THR B 171 -21.51 17.78 15.85
CA THR B 171 -22.64 16.87 16.03
C THR B 171 -22.52 15.69 15.09
N LEU B 172 -23.29 14.67 15.40
CA LEU B 172 -23.37 13.45 14.61
C LEU B 172 -24.80 12.94 14.65
N GLY B 173 -25.37 12.64 13.48
CA GLY B 173 -26.65 11.99 13.44
C GLY B 173 -26.52 10.54 13.87
N VAL B 174 -27.34 10.13 14.83
CA VAL B 174 -27.36 8.74 15.30
C VAL B 174 -28.80 8.30 15.41
N ALA B 175 -29.12 7.15 14.81
CA ALA B 175 -30.45 6.56 14.88
C ALA B 175 -30.31 5.12 15.36
N VAL B 176 -31.06 4.77 16.40
CA VAL B 176 -31.07 3.42 16.96
C VAL B 176 -32.49 2.89 16.83
N THR B 177 -32.64 1.75 16.17
CA THR B 177 -33.95 1.21 15.83
C THR B 177 -34.07 -0.23 16.33
N LEU B 178 -35.18 -0.52 17.00
CA LEU B 178 -35.52 -1.86 17.47
C LEU B 178 -36.81 -2.32 16.81
N ARG B 179 -36.79 -3.55 16.30
CA ARG B 179 -37.95 -4.13 15.64
C ARG B 179 -37.89 -5.65 15.77
N ARG B 180 -39.03 -6.29 15.56
CA ARG B 180 -39.03 -7.73 15.36
C ARG B 180 -38.43 -8.06 14.01
N GLU B 181 -37.72 -9.18 13.94
CA GLU B 181 -37.17 -9.67 12.68
C GLU B 181 -38.28 -10.34 11.89
N GLU B 182 -38.37 -10.01 10.59
CA GLU B 182 -39.35 -10.63 9.72
C GLU B 182 -39.03 -12.10 9.54
N VAL B 183 -39.78 -12.96 10.20
CA VAL B 183 -39.52 -14.40 10.21
C VAL B 183 -40.14 -15.04 8.97
N ALA B 184 -39.36 -15.87 8.28
CA ALA B 184 -39.86 -16.66 7.18
C ALA B 184 -40.68 -17.84 7.71
N LEU B 185 -41.79 -18.12 7.05
CA LEU B 185 -42.72 -19.10 7.59
C LEU B 185 -43.33 -19.91 6.44
N GLN B 186 -43.85 -21.09 6.77
CA GLN B 186 -44.27 -22.06 5.76
C GLN B 186 -45.78 -22.20 5.65
N GLN B 187 -46.57 -21.47 6.44
CA GLN B 187 -48.02 -21.45 6.27
C GLN B 187 -48.53 -20.01 6.42
N SER B 188 -49.77 -19.81 5.99
CA SER B 188 -50.36 -18.49 5.87
C SER B 188 -50.82 -17.96 7.23
N VAL B 189 -51.19 -16.68 7.22
CA VAL B 189 -51.52 -15.92 8.43
C VAL B 189 -50.39 -16.01 9.44
#